data_3H9M
#
_entry.id   3H9M
#
_cell.length_a   60.006
_cell.length_b   159.497
_cell.length_c   115.542
_cell.angle_alpha   90.000
_cell.angle_beta   90.000
_cell.angle_gamma   90.000
#
_symmetry.space_group_name_H-M   'C 2 2 21'
#
loop_
_entity.id
_entity.type
_entity.pdbx_description
1 polymer 'p-aminobenzoate synthetase, component I'
2 non-polymer (2R,3S)-1,4-DIMERCAPTOBUTANE-2,3-DIOL
3 non-polymer 'TRIETHYLENE GLYCOL'
4 water water
#
_entity_poly.entity_id   1
_entity_poly.type   'polypeptide(L)'
_entity_poly.pdbx_seq_one_letter_code
;(MSE)SLSFTPLHTTSEAFIEKALPWLEDRYFHIAYLNPNGYTAYPQGAFRHYLAFGSEAAIHVSDATRVFETWNEIKKG
YTNEWIFVFASYDGKNSVEQLHTSKEAGIAFAAATFFIPEHVWEIQPDGILIHKGSGSSLVTEIQHAEPSTPVQQSDIFV
KQVVSKESYFNAFDELQQIIAQGDAYEINYCIPFTAKGNISPAATYQRLNKKTP(MSE)PFSVYYKFNTEYILSASPERF
IKKTGDTIISQPIKGTSKRGKSKAEDE(MSE)LKQQLGTSEKEQSENT(MSE)IVDLVRNDLSRTAVAGSVCVPELSGLY
TFPNVHQLISTVQSTIDPACSSIDVIQQAFP(MSE)GS(MSE)TGAPKVNV(MSE)KFIDRIES(MSE)ARGPFSGTVGY
(MSE)DPHDNFDFNVLIRSIFYNSATQELF(MSE)EAGSAITSYAKAETEYEECLLKITP(MSE)IHILNNQEGHHHHHH
;
_entity_poly.pdbx_strand_id   A
#
loop_
_chem_comp.id
_chem_comp.type
_chem_comp.name
_chem_comp.formula
DTU non-polymer (2R,3S)-1,4-DIMERCAPTOBUTANE-2,3-DIOL 'C4 H10 O2 S2'
PGE non-polymer 'TRIETHYLENE GLYCOL' 'C6 H14 O4'
#
# COMPACT_ATOMS: atom_id res chain seq x y z
N SER A 2 31.57 -0.54 8.12
CA SER A 2 31.24 0.56 7.16
C SER A 2 30.42 0.03 5.98
N LEU A 3 29.58 0.90 5.43
CA LEU A 3 28.87 0.63 4.20
C LEU A 3 29.60 1.28 3.03
N SER A 4 29.39 0.75 1.83
CA SER A 4 29.97 1.26 0.61
C SER A 4 28.97 2.20 -0.06
N PHE A 5 29.46 3.32 -0.59
CA PHE A 5 28.65 4.31 -1.30
C PHE A 5 29.24 4.51 -2.69
N THR A 6 28.40 4.41 -3.72
CA THR A 6 28.80 4.69 -5.11
C THR A 6 28.25 6.03 -5.58
N PRO A 7 29.13 6.99 -5.89
CA PRO A 7 28.69 8.25 -6.46
C PRO A 7 27.99 8.11 -7.81
N LEU A 8 26.92 8.87 -8.01
CA LEU A 8 26.21 8.91 -9.29
C LEU A 8 26.73 10.08 -10.10
N HIS A 9 26.63 9.96 -11.42
CA HIS A 9 27.00 11.06 -12.31
C HIS A 9 25.82 11.46 -13.19
N THR A 10 24.63 11.09 -12.72
CA THR A 10 23.37 11.53 -13.27
C THR A 10 22.48 11.80 -12.07
N THR A 11 21.29 12.34 -12.32
CA THR A 11 20.26 12.43 -11.27
C THR A 11 19.89 11.02 -10.84
N SER A 12 19.33 10.92 -9.63
CA SER A 12 18.82 9.64 -9.17
C SER A 12 17.67 9.16 -10.06
N GLU A 13 16.86 10.10 -10.55
CA GLU A 13 15.74 9.76 -11.43
C GLU A 13 16.27 9.08 -12.69
N ALA A 14 17.31 9.66 -13.29
CA ALA A 14 17.89 9.09 -14.50
C ALA A 14 18.49 7.71 -14.26
N PHE A 15 19.12 7.52 -13.09
CA PHE A 15 19.64 6.21 -12.73
C PHE A 15 18.52 5.18 -12.65
N ILE A 16 17.45 5.54 -11.96
CA ILE A 16 16.34 4.60 -11.72
C ILE A 16 15.60 4.29 -13.03
N GLU A 17 15.54 5.25 -13.95
CA GLU A 17 14.93 5.00 -15.27
CA GLU A 17 14.96 5.02 -15.29
C GLU A 17 15.68 3.89 -16.01
N LYS A 18 16.99 3.80 -15.79
CA LYS A 18 17.81 2.71 -16.33
C LYS A 18 17.72 1.44 -15.49
N ALA A 19 17.72 1.59 -14.16
CA ALA A 19 17.81 0.47 -13.23
C ALA A 19 16.60 -0.47 -13.27
N LEU A 20 15.38 0.08 -13.26
CA LEU A 20 14.21 -0.79 -13.12
C LEU A 20 14.04 -1.76 -14.30
N PRO A 21 14.09 -1.25 -15.55
CA PRO A 21 14.03 -2.21 -16.67
C PRO A 21 15.19 -3.22 -16.71
N TRP A 22 16.40 -2.76 -16.36
CA TRP A 22 17.59 -3.62 -16.32
C TRP A 22 17.40 -4.73 -15.29
N LEU A 23 16.88 -4.37 -14.13
CA LEU A 23 16.59 -5.35 -13.10
C LEU A 23 15.43 -6.26 -13.46
N GLU A 24 14.40 -5.69 -14.08
CA GLU A 24 13.24 -6.48 -14.55
C GLU A 24 13.65 -7.69 -15.38
N ASP A 25 14.68 -7.47 -16.20
CA ASP A 25 15.15 -8.49 -17.13
C ASP A 25 16.05 -9.55 -16.45
N ARG A 26 16.48 -9.31 -15.22
CA ARG A 26 17.47 -10.16 -14.56
C ARG A 26 17.07 -10.78 -13.24
N TYR A 27 16.05 -10.23 -12.58
CA TYR A 27 15.64 -10.66 -11.25
C TYR A 27 14.15 -10.87 -11.18
N PHE A 28 13.74 -11.79 -10.31
CA PHE A 28 12.32 -12.11 -10.14
C PHE A 28 11.73 -11.49 -8.88
N HIS A 29 12.56 -10.85 -8.04
CA HIS A 29 12.08 -10.18 -6.81
C HIS A 29 12.70 -8.79 -6.79
N ILE A 30 11.85 -7.78 -6.86
CA ILE A 30 12.28 -6.38 -6.88
C ILE A 30 11.30 -5.57 -6.07
N ALA A 31 11.81 -4.75 -5.15
CA ALA A 31 10.97 -3.78 -4.44
C ALA A 31 11.64 -2.42 -4.49
N TYR A 32 10.94 -1.45 -5.06
CA TYR A 32 11.44 -0.07 -5.18
C TYR A 32 10.45 0.83 -4.47
N LEU A 33 10.92 1.52 -3.42
CA LEU A 33 10.10 2.41 -2.62
C LEU A 33 10.57 3.82 -2.92
N ASN A 34 9.66 4.69 -3.37
CA ASN A 34 10.05 5.98 -3.94
C ASN A 34 9.29 7.14 -3.30
N PRO A 35 9.98 7.94 -2.46
CA PRO A 35 9.35 9.08 -1.81
C PRO A 35 9.14 10.31 -2.70
N ASN A 36 9.68 10.29 -3.91
CA ASN A 36 9.41 11.37 -4.87
C ASN A 36 9.70 12.77 -4.33
N GLY A 37 10.76 12.89 -3.55
CA GLY A 37 11.16 14.22 -3.04
C GLY A 37 10.19 14.91 -2.10
N TYR A 38 9.28 14.15 -1.49
CA TYR A 38 8.40 14.69 -0.44
C TYR A 38 9.17 14.82 0.87
N THR A 39 10.13 15.75 0.88
CA THR A 39 11.07 15.87 1.99
CA THR A 39 11.09 15.89 1.98
C THR A 39 10.45 16.46 3.25
N ALA A 40 9.34 17.18 3.11
CA ALA A 40 8.63 17.78 4.26
C ALA A 40 7.52 16.91 4.84
N TYR A 41 7.39 15.66 4.38
CA TYR A 41 6.29 14.81 4.82
C TYR A 41 6.39 14.58 6.32
N PRO A 42 5.25 14.62 7.06
CA PRO A 42 5.34 14.41 8.50
C PRO A 42 5.85 13.03 8.87
N GLN A 43 6.92 12.98 9.68
CA GLN A 43 7.61 11.74 10.07
C GLN A 43 8.39 11.11 8.90
N GLY A 44 8.51 11.84 7.80
CA GLY A 44 9.21 11.39 6.61
C GLY A 44 8.33 10.60 5.66
N ALA A 45 8.65 10.66 4.36
CA ALA A 45 8.01 9.81 3.37
C ALA A 45 8.71 8.45 3.40
N PHE A 46 8.42 7.55 2.45
CA PHE A 46 9.15 6.28 2.40
C PHE A 46 10.66 6.50 2.34
N ARG A 47 11.42 5.64 2.99
CA ARG A 47 12.82 5.48 2.65
C ARG A 47 12.95 5.19 1.16
N HIS A 48 14.01 5.71 0.54
CA HIS A 48 14.23 5.52 -0.90
C HIS A 48 15.06 4.26 -1.10
N TYR A 49 14.39 3.11 -1.08
CA TYR A 49 15.06 1.82 -1.12
C TYR A 49 14.82 1.10 -2.44
N LEU A 50 15.87 0.46 -2.95
CA LEU A 50 15.77 -0.46 -4.07
C LEU A 50 16.37 -1.78 -3.62
N ALA A 51 15.53 -2.81 -3.51
CA ALA A 51 15.93 -4.11 -3.02
C ALA A 51 15.63 -5.15 -4.07
N PHE A 52 16.55 -6.08 -4.31
CA PHE A 52 16.32 -7.04 -5.39
C PHE A 52 17.17 -8.29 -5.24
N GLY A 53 16.79 -9.31 -5.98
CA GLY A 53 17.32 -10.65 -5.75
C GLY A 53 16.81 -11.21 -4.45
N SER A 54 17.15 -12.47 -4.18
CA SER A 54 16.75 -13.04 -2.92
C SER A 54 17.59 -14.23 -2.50
N GLU A 55 17.79 -14.34 -1.19
CA GLU A 55 18.30 -15.58 -0.60
C GLU A 55 17.18 -16.46 -0.03
N ALA A 56 15.99 -15.90 0.14
CA ALA A 56 14.81 -16.68 0.53
C ALA A 56 13.59 -15.92 0.03
N ALA A 57 12.61 -16.65 -0.47
CA ALA A 57 11.38 -16.03 -0.97
C ALA A 57 10.22 -16.99 -0.73
N ILE A 58 9.06 -16.45 -0.33
CA ILE A 58 7.88 -17.24 -0.02
C ILE A 58 6.66 -16.56 -0.62
N HIS A 59 5.85 -17.34 -1.34
CA HIS A 59 4.60 -16.91 -1.96
C HIS A 59 3.48 -17.63 -1.22
N VAL A 60 2.61 -16.88 -0.56
CA VAL A 60 1.51 -17.44 0.21
C VAL A 60 0.21 -17.34 -0.58
N SER A 61 -0.49 -18.46 -0.76
CA SER A 61 -1.78 -18.47 -1.46
C SER A 61 -2.97 -18.55 -0.50
N ASP A 62 -2.73 -19.04 0.70
CA ASP A 62 -3.78 -19.23 1.70
C ASP A 62 -3.83 -17.99 2.56
N ALA A 63 -4.88 -17.19 2.39
CA ALA A 63 -5.02 -15.93 3.10
C ALA A 63 -5.19 -16.02 4.62
N THR A 64 -5.37 -17.22 5.18
CA THR A 64 -5.43 -17.40 6.63
C THR A 64 -4.04 -17.58 7.24
N ARG A 65 -3.01 -17.67 6.40
CA ARG A 65 -1.64 -18.00 6.84
C ARG A 65 -0.65 -16.86 6.66
N VAL A 66 -1.15 -15.66 6.43
CA VAL A 66 -0.28 -14.52 6.18
C VAL A 66 0.62 -14.21 7.37
N PHE A 67 0.04 -14.08 8.56
CA PHE A 67 0.85 -13.66 9.70
C PHE A 67 1.60 -14.82 10.31
N GLU A 68 1.07 -16.04 10.16
CA GLU A 68 1.81 -17.24 10.54
C GLU A 68 3.12 -17.29 9.77
N THR A 69 3.04 -17.10 8.46
CA THR A 69 4.22 -17.14 7.61
C THR A 69 5.17 -15.97 7.97
N TRP A 70 4.61 -14.78 8.16
CA TRP A 70 5.43 -13.63 8.52
C TRP A 70 6.25 -13.91 9.79
N ASN A 71 5.58 -14.45 10.80
CA ASN A 71 6.27 -14.82 12.03
C ASN A 71 7.36 -15.86 11.81
N GLU A 72 7.09 -16.85 10.96
CA GLU A 72 8.09 -17.91 10.71
C GLU A 72 9.34 -17.35 10.05
N ILE A 73 9.15 -16.48 9.05
CA ILE A 73 10.31 -15.98 8.32
CA ILE A 73 10.30 -15.94 8.31
C ILE A 73 11.11 -15.00 9.19
N LYS A 74 10.42 -14.20 10.01
CA LYS A 74 11.09 -13.29 10.93
C LYS A 74 11.94 -14.06 11.95
N LYS A 75 11.42 -15.19 12.44
CA LYS A 75 12.17 -16.04 13.36
C LYS A 75 13.44 -16.61 12.70
N GLY A 76 13.32 -16.96 11.43
CA GLY A 76 14.44 -17.52 10.71
C GLY A 76 15.48 -16.50 10.29
N TYR A 77 15.06 -15.24 10.19
CA TYR A 77 15.88 -14.16 9.67
C TYR A 77 15.78 -12.95 10.58
N THR A 78 16.34 -13.12 11.77
CA THR A 78 16.48 -12.03 12.71
C THR A 78 17.64 -11.15 12.24
N ASN A 79 17.54 -9.86 12.54
CA ASN A 79 18.57 -8.90 12.20
C ASN A 79 18.83 -8.89 10.68
N GLU A 80 17.73 -8.98 9.92
CA GLU A 80 17.82 -9.09 8.48
C GLU A 80 16.76 -8.22 7.81
N TRP A 81 16.97 -7.89 6.53
CA TRP A 81 15.98 -7.18 5.72
C TRP A 81 14.90 -8.13 5.25
N ILE A 82 13.63 -7.71 5.37
CA ILE A 82 12.51 -8.50 4.83
C ILE A 82 11.62 -7.54 4.07
N PHE A 83 11.38 -7.80 2.80
CA PHE A 83 10.45 -7.00 1.99
C PHE A 83 9.16 -7.79 1.82
N VAL A 84 8.03 -7.11 2.06
CA VAL A 84 6.74 -7.78 2.31
C VAL A 84 5.64 -7.14 1.50
N PHE A 85 4.78 -7.99 0.93
CA PHE A 85 3.47 -7.60 0.40
C PHE A 85 2.43 -8.41 1.15
N ALA A 86 1.39 -7.76 1.65
CA ALA A 86 0.26 -8.46 2.23
C ALA A 86 -1.04 -7.97 1.62
N SER A 87 -1.81 -8.89 1.04
CA SER A 87 -3.10 -8.54 0.43
C SER A 87 -4.12 -8.16 1.49
N TYR A 88 -5.19 -7.47 1.06
CA TYR A 88 -6.30 -7.14 1.97
C TYR A 88 -6.92 -8.40 2.57
N ASP A 89 -6.92 -9.48 1.80
CA ASP A 89 -7.48 -10.75 2.27
C ASP A 89 -6.70 -11.37 3.44
N GLY A 90 -5.52 -10.83 3.76
CA GLY A 90 -4.83 -11.15 5.01
C GLY A 90 -5.67 -10.85 6.25
N LYS A 91 -6.77 -10.13 6.07
CA LYS A 91 -7.76 -9.97 7.14
C LYS A 91 -8.20 -11.32 7.69
N ASN A 92 -8.17 -12.35 6.84
CA ASN A 92 -8.62 -13.70 7.23
C ASN A 92 -7.61 -14.40 8.13
N SER A 93 -6.45 -13.75 8.31
CA SER A 93 -5.39 -14.14 9.26
C SER A 93 -5.42 -13.35 10.57
N VAL A 94 -6.27 -12.32 10.64
CA VAL A 94 -6.38 -11.46 11.84
C VAL A 94 -7.66 -11.78 12.60
N GLU A 95 -8.74 -12.00 11.87
CA GLU A 95 -10.06 -12.30 12.45
C GLU A 95 -10.66 -13.55 11.78
N GLN A 96 -11.73 -14.06 12.38
CA GLN A 96 -12.47 -15.19 11.83
C GLN A 96 -13.37 -14.68 10.71
N LEU A 97 -12.75 -14.51 9.54
CA LEU A 97 -13.40 -13.93 8.37
C LEU A 97 -13.15 -14.80 7.17
N HIS A 98 -13.96 -14.59 6.14
CA HIS A 98 -13.83 -15.30 4.89
C HIS A 98 -13.91 -14.31 3.75
N THR A 99 -13.46 -14.74 2.57
CA THR A 99 -13.57 -13.94 1.36
C THR A 99 -14.46 -14.72 0.43
N SER A 100 -15.67 -14.20 0.23
CA SER A 100 -16.74 -14.96 -0.43
C SER A 100 -16.76 -14.87 -1.94
N LYS A 101 -16.11 -13.85 -2.51
CA LYS A 101 -16.17 -13.61 -3.95
C LYS A 101 -14.84 -13.90 -4.61
N GLU A 102 -14.88 -14.04 -5.93
CA GLU A 102 -13.67 -14.24 -6.71
C GLU A 102 -12.84 -12.97 -6.73
N ALA A 103 -11.53 -13.13 -6.83
CA ALA A 103 -10.66 -11.97 -6.99
C ALA A 103 -10.68 -11.53 -8.45
N GLY A 104 -10.20 -10.32 -8.69
CA GLY A 104 -10.11 -9.76 -10.04
C GLY A 104 -8.78 -10.02 -10.74
N ILE A 105 -7.87 -10.69 -10.06
CA ILE A 105 -6.54 -10.97 -10.61
C ILE A 105 -5.91 -12.14 -9.86
N ALA A 106 -5.18 -13.00 -10.57
CA ALA A 106 -4.40 -14.06 -9.94
C ALA A 106 -3.20 -13.39 -9.25
N PHE A 107 -3.13 -13.53 -7.93
CA PHE A 107 -2.15 -12.78 -7.13
C PHE A 107 -1.98 -13.48 -5.78
N ALA A 108 -0.79 -13.36 -5.21
CA ALA A 108 -0.54 -13.90 -3.88
C ALA A 108 -1.47 -13.31 -2.81
N ALA A 109 -1.77 -14.08 -1.78
CA ALA A 109 -2.32 -13.53 -0.55
C ALA A 109 -1.29 -12.71 0.20
N ALA A 110 -0.01 -13.09 0.07
CA ALA A 110 1.12 -12.33 0.63
C ALA A 110 2.41 -12.87 0.06
N THR A 111 3.44 -12.04 0.04
CA THR A 111 4.78 -12.50 -0.33
C THR A 111 5.82 -11.91 0.58
N PHE A 112 6.94 -12.63 0.70
CA PHE A 112 8.06 -12.24 1.56
C PHE A 112 9.35 -12.55 0.84
N PHE A 113 10.30 -11.63 0.84
CA PHE A 113 11.63 -12.02 0.39
C PHE A 113 12.72 -11.37 1.20
N ILE A 114 13.79 -12.15 1.42
CA ILE A 114 15.03 -11.67 2.02
C ILE A 114 15.93 -11.27 0.85
N PRO A 115 16.06 -9.96 0.60
CA PRO A 115 16.74 -9.52 -0.62
C PRO A 115 18.24 -9.84 -0.63
N GLU A 116 18.78 -10.00 -1.83
CA GLU A 116 20.22 -10.20 -1.98
C GLU A 116 20.91 -8.85 -1.88
N HIS A 117 20.30 -7.84 -2.50
CA HIS A 117 20.86 -6.49 -2.58
C HIS A 117 19.87 -5.50 -2.02
N VAL A 118 20.36 -4.60 -1.14
CA VAL A 118 19.55 -3.50 -0.62
C VAL A 118 20.33 -2.21 -0.78
N TRP A 119 19.80 -1.31 -1.60
CA TRP A 119 20.38 0.00 -1.88
C TRP A 119 19.48 1.10 -1.38
N GLU A 120 20.09 2.15 -0.85
CA GLU A 120 19.34 3.36 -0.55
C GLU A 120 19.78 4.43 -1.54
N ILE A 121 18.81 4.91 -2.30
CA ILE A 121 19.06 5.85 -3.38
C ILE A 121 19.09 7.24 -2.77
N GLN A 122 20.19 7.95 -2.99
CA GLN A 122 20.34 9.33 -2.49
C GLN A 122 20.51 10.25 -3.68
N PRO A 123 20.30 11.55 -3.47
CA PRO A 123 20.45 12.45 -4.60
C PRO A 123 21.78 12.35 -5.34
N ASP A 124 22.87 12.04 -4.63
CA ASP A 124 24.20 12.06 -5.23
C ASP A 124 24.85 10.69 -5.36
N GLY A 125 24.15 9.62 -5.01
CA GLY A 125 24.77 8.32 -5.05
C GLY A 125 23.91 7.22 -4.44
N ILE A 126 24.49 6.03 -4.44
CA ILE A 126 23.84 4.81 -3.97
C ILE A 126 24.56 4.29 -2.74
N LEU A 127 23.84 4.23 -1.63
CA LEU A 127 24.36 3.70 -0.38
C LEU A 127 23.97 2.22 -0.30
N ILE A 128 24.97 1.35 -0.23
CA ILE A 128 24.71 -0.09 -0.26
C ILE A 128 24.63 -0.66 1.15
N HIS A 129 23.43 -1.09 1.52
CA HIS A 129 23.16 -1.67 2.84
C HIS A 129 23.44 -3.17 2.88
N LYS A 130 23.19 -3.84 1.77
CA LYS A 130 23.39 -5.28 1.70
C LYS A 130 23.79 -5.70 0.30
N GLY A 131 24.68 -6.69 0.26
CA GLY A 131 25.16 -7.23 -0.99
C GLY A 131 26.44 -6.55 -1.37
N SER A 132 27.16 -7.13 -2.32
CA SER A 132 28.39 -6.50 -2.77
C SER A 132 28.17 -6.01 -4.18
N GLY A 133 27.15 -5.18 -4.35
CA GLY A 133 26.65 -4.84 -5.67
C GLY A 133 27.18 -3.60 -6.35
N SER A 134 28.29 -3.05 -5.86
CA SER A 134 28.95 -1.89 -6.51
C SER A 134 29.07 -2.06 -8.02
N SER A 135 29.53 -3.24 -8.45
CA SER A 135 29.72 -3.48 -9.87
C SER A 135 28.40 -3.47 -10.65
N LEU A 136 27.29 -3.83 -9.99
CA LEU A 136 25.97 -3.76 -10.64
C LEU A 136 25.52 -2.32 -10.86
N VAL A 137 25.82 -1.44 -9.90
CA VAL A 137 25.52 -0.03 -10.09
C VAL A 137 26.24 0.45 -11.35
N THR A 138 27.50 0.05 -11.47
CA THR A 138 28.31 0.40 -12.63
C THR A 138 27.75 -0.16 -13.92
N GLU A 139 27.31 -1.42 -13.91
CA GLU A 139 26.66 -2.03 -15.07
C GLU A 139 25.43 -1.26 -15.52
N ILE A 140 24.60 -0.85 -14.55
CA ILE A 140 23.40 -0.08 -14.85
C ILE A 140 23.78 1.30 -15.39
N GLN A 141 24.75 1.96 -14.74
CA GLN A 141 25.25 3.26 -15.20
C GLN A 141 25.64 3.23 -16.68
N HIS A 142 26.29 2.14 -17.11
CA HIS A 142 26.81 2.03 -18.48
C HIS A 142 25.93 1.19 -19.41
N ALA A 143 24.84 0.64 -18.90
CA ALA A 143 23.92 -0.13 -19.73
C ALA A 143 23.33 0.70 -20.88
N GLN A 151 3.52 -2.12 -27.61
CA GLN A 151 3.02 -1.29 -26.52
C GLN A 151 1.58 -0.81 -26.77
N SER A 152 0.64 -1.74 -26.79
CA SER A 152 -0.76 -1.44 -27.12
C SER A 152 -1.56 -0.83 -25.96
N ASP A 153 -2.57 -0.04 -26.32
CA ASP A 153 -3.47 0.56 -25.35
C ASP A 153 -4.43 -0.51 -24.83
N ILE A 154 -4.98 -0.26 -23.65
CA ILE A 154 -5.75 -1.27 -22.93
C ILE A 154 -7.08 -0.68 -22.46
N PHE A 155 -8.18 -1.32 -22.85
CA PHE A 155 -9.49 -0.90 -22.42
C PHE A 155 -9.78 -1.45 -21.02
N VAL A 156 -10.26 -0.58 -20.13
CA VAL A 156 -10.53 -0.95 -18.74
C VAL A 156 -12.03 -1.09 -18.50
N LYS A 157 -12.42 -2.25 -17.99
CA LYS A 157 -13.82 -2.57 -17.74
C LYS A 157 -14.24 -2.14 -16.35
N GLN A 158 -15.34 -1.39 -16.28
CA GLN A 158 -15.98 -1.05 -15.03
C GLN A 158 -16.88 -2.21 -14.60
N VAL A 159 -16.45 -2.94 -13.57
CA VAL A 159 -17.15 -4.15 -13.14
C VAL A 159 -18.52 -3.87 -12.55
N VAL A 160 -18.64 -2.76 -11.82
CA VAL A 160 -19.87 -2.41 -11.11
C VAL A 160 -20.56 -1.27 -11.85
N SER A 161 -21.75 -1.55 -12.39
CA SER A 161 -22.51 -0.53 -13.10
C SER A 161 -22.99 0.53 -12.13
N LYS A 162 -23.41 1.67 -12.67
CA LYS A 162 -24.01 2.70 -11.81
C LYS A 162 -25.24 2.20 -11.05
N GLU A 163 -26.11 1.44 -11.72
CA GLU A 163 -27.29 0.85 -11.07
C GLU A 163 -26.86 -0.04 -9.91
N SER A 164 -25.85 -0.89 -10.15
CA SER A 164 -25.33 -1.77 -9.12
C SER A 164 -24.68 -1.00 -7.97
N TYR A 165 -23.94 0.06 -8.30
CA TYR A 165 -23.35 0.94 -7.28
C TYR A 165 -24.44 1.54 -6.39
N PHE A 166 -25.50 2.07 -6.98
CA PHE A 166 -26.58 2.67 -6.21
C PHE A 166 -27.30 1.65 -5.33
N ASN A 167 -27.47 0.43 -5.84
CA ASN A 167 -28.08 -0.64 -5.02
C ASN A 167 -27.21 -0.94 -3.79
N ALA A 168 -25.92 -1.06 -4.01
CA ALA A 168 -24.98 -1.34 -2.92
C ALA A 168 -24.92 -0.18 -1.94
N PHE A 169 -24.88 1.04 -2.48
CA PHE A 169 -24.88 2.24 -1.66
C PHE A 169 -26.11 2.27 -0.76
N ASP A 170 -27.28 1.97 -1.32
CA ASP A 170 -28.53 1.95 -0.55
C ASP A 170 -28.47 0.88 0.53
N GLU A 171 -27.94 -0.29 0.20
CA GLU A 171 -27.78 -1.36 1.19
C GLU A 171 -26.92 -0.88 2.36
N LEU A 172 -25.84 -0.20 2.04
CA LEU A 172 -24.95 0.32 3.09
C LEU A 172 -25.64 1.39 3.93
N GLN A 173 -26.41 2.26 3.30
CA GLN A 173 -27.12 3.30 4.03
C GLN A 173 -28.18 2.70 4.95
N GLN A 174 -28.77 1.60 4.55
CA GLN A 174 -29.74 0.92 5.41
C GLN A 174 -29.06 0.30 6.62
N ILE A 175 -27.86 -0.27 6.43
CA ILE A 175 -27.06 -0.77 7.55
C ILE A 175 -26.75 0.35 8.55
N ILE A 176 -26.35 1.50 8.03
CA ILE A 176 -26.12 2.69 8.85
C ILE A 176 -27.41 3.19 9.53
N ALA A 177 -28.49 3.29 8.77
CA ALA A 177 -29.77 3.76 9.32
C ALA A 177 -30.29 2.85 10.44
N GLN A 178 -29.93 1.57 10.41
CA GLN A 178 -30.33 0.57 11.43
C GLN A 178 -29.43 0.61 12.66
N GLY A 179 -28.34 1.38 12.60
CA GLY A 179 -27.38 1.45 13.67
C GLY A 179 -26.41 0.28 13.75
N ASP A 180 -26.15 -0.39 12.62
CA ASP A 180 -25.20 -1.50 12.60
C ASP A 180 -23.80 -1.08 12.14
N ALA A 181 -23.66 0.14 11.64
CA ALA A 181 -22.36 0.71 11.30
C ALA A 181 -22.50 2.21 11.27
N TYR A 182 -21.40 2.94 11.36
CA TYR A 182 -21.47 4.39 11.08
C TYR A 182 -20.50 4.88 10.00
N GLU A 183 -19.57 4.04 9.56
CA GLU A 183 -18.70 4.41 8.45
C GLU A 183 -18.24 3.15 7.74
N ILE A 184 -18.32 3.15 6.40
CA ILE A 184 -17.90 2.02 5.57
C ILE A 184 -17.19 2.51 4.33
N ASN A 185 -15.98 2.01 4.08
CA ASN A 185 -15.22 2.36 2.88
C ASN A 185 -15.60 1.38 1.77
N TYR A 186 -16.41 1.84 0.82
CA TYR A 186 -16.97 0.99 -0.22
C TYR A 186 -16.22 1.24 -1.51
N CYS A 187 -15.67 0.16 -2.07
CA CYS A 187 -14.79 0.21 -3.22
C CYS A 187 -15.37 -0.60 -4.36
N ILE A 188 -15.06 -0.16 -5.59
CA ILE A 188 -15.49 -0.86 -6.80
C ILE A 188 -14.31 -1.15 -7.70
N PRO A 189 -14.28 -2.36 -8.31
CA PRO A 189 -13.18 -2.83 -9.14
C PRO A 189 -13.26 -2.54 -10.63
N PHE A 190 -12.09 -2.50 -11.24
CA PHE A 190 -11.89 -2.28 -12.66
C PHE A 190 -10.86 -3.30 -13.14
N THR A 191 -11.14 -3.95 -14.27
CA THR A 191 -10.28 -5.02 -14.76
C THR A 191 -9.95 -4.80 -16.23
N ALA A 192 -8.84 -5.40 -16.67
CA ALA A 192 -8.47 -5.38 -18.08
C ALA A 192 -7.61 -6.58 -18.39
N LYS A 193 -7.48 -6.87 -19.68
CA LYS A 193 -6.65 -7.96 -20.17
C LYS A 193 -5.66 -7.35 -21.16
N GLY A 194 -4.39 -7.68 -21.00
CA GLY A 194 -3.39 -7.20 -21.94
C GLY A 194 -1.99 -7.39 -21.44
N ASN A 195 -1.04 -6.88 -22.21
CA ASN A 195 0.37 -6.95 -21.89
C ASN A 195 0.85 -5.55 -21.67
N ILE A 196 1.63 -5.36 -20.61
CA ILE A 196 2.32 -4.10 -20.39
C ILE A 196 3.77 -4.35 -20.06
N SER A 197 4.58 -3.30 -20.23
CA SER A 197 5.94 -3.27 -19.73
CA SER A 197 5.94 -3.26 -19.74
C SER A 197 5.86 -2.63 -18.35
N PRO A 198 5.98 -3.44 -17.29
CA PRO A 198 5.68 -2.84 -15.97
C PRO A 198 6.55 -1.66 -15.51
N ALA A 199 7.87 -1.74 -15.63
CA ALA A 199 8.72 -0.63 -15.19
C ALA A 199 8.41 0.64 -16.00
N ALA A 200 8.19 0.47 -17.30
CA ALA A 200 7.87 1.61 -18.16
C ALA A 200 6.55 2.23 -17.78
N THR A 201 5.59 1.38 -17.44
CA THR A 201 4.27 1.82 -17.02
C THR A 201 4.33 2.53 -15.66
N TYR A 202 5.14 2.00 -14.74
CA TYR A 202 5.41 2.67 -13.46
C TYR A 202 5.97 4.08 -13.71
N GLN A 203 6.90 4.20 -14.64
CA GLN A 203 7.49 5.51 -14.92
C GLN A 203 6.43 6.50 -15.41
N ARG A 204 5.55 6.07 -16.29
CA ARG A 204 4.47 6.96 -16.77
C ARG A 204 3.52 7.36 -15.63
N LEU A 205 3.11 6.38 -14.81
CA LEU A 205 2.25 6.64 -13.67
C LEU A 205 2.91 7.61 -12.69
N ASN A 206 4.16 7.32 -12.34
CA ASN A 206 4.84 8.08 -11.31
C ASN A 206 5.15 9.51 -11.74
N LYS A 207 5.52 9.69 -13.00
CA LYS A 207 5.77 11.03 -13.51
C LYS A 207 4.50 11.85 -13.52
N LYS A 208 3.38 11.23 -13.88
CA LYS A 208 2.11 11.96 -13.92
C LYS A 208 1.61 12.32 -12.54
N THR A 209 1.73 11.38 -11.59
CA THR A 209 1.21 11.58 -10.25
C THR A 209 2.20 11.10 -9.18
N PRO A 210 3.28 11.86 -8.99
CA PRO A 210 4.27 11.48 -7.97
C PRO A 210 3.76 11.65 -6.54
N MSE A 211 3.90 10.59 -5.75
CA MSE A 211 3.36 10.53 -4.38
C MSE A 211 4.40 9.95 -3.40
O MSE A 211 5.34 9.28 -3.82
CB MSE A 211 2.09 9.69 -4.37
CG MSE A 211 0.93 10.28 -5.12
SE MSE A 211 0.36 12.00 -4.37
CE MSE A 211 -1.56 11.83 -4.76
N PRO A 212 4.24 10.23 -2.09
CA PRO A 212 5.27 9.94 -1.08
C PRO A 212 5.48 8.46 -0.72
N PHE A 213 4.55 7.59 -1.11
CA PHE A 213 4.62 6.16 -0.80
C PHE A 213 4.49 5.31 -2.06
N SER A 214 5.07 5.82 -3.15
CA SER A 214 5.04 5.12 -4.43
CA SER A 214 5.02 5.10 -4.42
C SER A 214 5.90 3.85 -4.40
N VAL A 215 5.49 2.85 -5.17
CA VAL A 215 6.18 1.55 -5.23
C VAL A 215 6.18 0.99 -6.64
N TYR A 216 7.32 0.44 -7.04
CA TYR A 216 7.40 -0.55 -8.13
C TYR A 216 7.80 -1.85 -7.48
N TYR A 217 7.02 -2.91 -7.73
CA TYR A 217 7.29 -4.22 -7.14
C TYR A 217 7.09 -5.31 -8.18
N LYS A 218 7.98 -6.29 -8.14
CA LYS A 218 7.91 -7.50 -8.98
C LYS A 218 8.15 -8.69 -8.07
N PHE A 219 7.29 -9.70 -8.16
CA PHE A 219 7.51 -10.97 -7.47
C PHE A 219 7.06 -12.07 -8.42
N ASN A 220 8.02 -12.76 -9.04
CA ASN A 220 7.68 -13.80 -10.03
C ASN A 220 7.04 -13.07 -11.25
N THR A 221 5.76 -13.27 -11.51
CA THR A 221 5.05 -12.59 -12.60
C THR A 221 4.04 -11.57 -12.11
N GLU A 222 4.08 -11.27 -10.80
CA GLU A 222 3.10 -10.37 -10.17
C GLU A 222 3.74 -9.02 -9.94
N TYR A 223 3.05 -7.95 -10.37
CA TYR A 223 3.59 -6.58 -10.29
C TYR A 223 2.62 -5.64 -9.60
N ILE A 224 3.20 -4.70 -8.84
CA ILE A 224 2.45 -3.64 -8.19
C ILE A 224 3.07 -2.34 -8.66
N LEU A 225 2.26 -1.47 -9.26
CA LEU A 225 2.68 -0.17 -9.75
C LEU A 225 1.84 0.83 -8.99
N SER A 226 2.41 1.43 -7.96
CA SER A 226 1.64 2.24 -7.00
C SER A 226 2.02 3.70 -6.93
N ALA A 227 1.00 4.56 -7.00
CA ALA A 227 1.11 5.98 -6.72
C ALA A 227 0.44 6.32 -5.38
N SER A 228 0.65 5.46 -4.39
CA SER A 228 0.05 5.63 -3.06
C SER A 228 0.55 6.88 -2.35
N PRO A 229 -0.37 7.70 -1.83
CA PRO A 229 0.00 8.83 -1.01
C PRO A 229 -0.03 8.58 0.49
N GLU A 230 -0.25 7.33 0.92
CA GLU A 230 -0.69 7.05 2.28
C GLU A 230 0.15 5.99 2.98
N ARG A 231 0.62 6.32 4.18
CA ARG A 231 1.29 5.40 5.09
C ARG A 231 0.26 4.63 5.93
N PHE A 232 0.40 3.31 5.94
CA PHE A 232 -0.38 2.44 6.82
C PHE A 232 0.24 2.48 8.22
N ILE A 233 1.47 2.02 8.35
CA ILE A 233 2.05 1.89 9.68
C ILE A 233 3.57 1.86 9.61
N LYS A 234 4.21 2.53 10.59
CA LYS A 234 5.66 2.65 10.67
CA LYS A 234 5.66 2.64 10.67
C LYS A 234 6.13 2.43 12.10
N LYS A 235 7.31 1.85 12.26
CA LYS A 235 7.96 1.65 13.56
C LYS A 235 9.36 2.24 13.48
N THR A 236 9.64 3.15 14.42
CA THR A 236 10.94 3.80 14.50
C THR A 236 11.34 3.71 15.97
N GLY A 237 12.27 2.82 16.27
CA GLY A 237 12.58 2.49 17.65
C GLY A 237 11.33 1.91 18.29
N ASP A 238 10.90 2.50 19.41
CA ASP A 238 9.71 2.02 20.11
C ASP A 238 8.44 2.73 19.67
N THR A 239 8.54 3.65 18.71
CA THR A 239 7.41 4.52 18.37
C THR A 239 6.72 4.04 17.11
N ILE A 240 5.41 3.86 17.22
CA ILE A 240 4.55 3.39 16.10
C ILE A 240 3.75 4.58 15.62
N ILE A 241 3.65 4.76 14.32
CA ILE A 241 2.76 5.75 13.76
C ILE A 241 1.94 5.20 12.60
N SER A 242 0.73 5.73 12.47
CA SER A 242 -0.14 5.46 11.33
C SER A 242 -0.77 6.79 10.91
N GLN A 243 -0.95 7.03 9.60
CA GLN A 243 -1.28 8.36 9.10
C GLN A 243 -2.41 8.41 8.08
N PRO A 244 -3.65 8.26 8.55
CA PRO A 244 -4.80 8.46 7.64
C PRO A 244 -4.87 9.88 7.02
N ILE A 245 -5.26 9.96 5.75
CA ILE A 245 -5.33 11.22 5.02
C ILE A 245 -6.79 11.62 4.81
N LYS A 246 -7.09 12.92 4.82
CA LYS A 246 -8.42 13.39 4.40
C LYS A 246 -8.38 14.83 3.89
N GLY A 266 -9.54 21.90 3.44
CA GLY A 266 -10.90 21.35 3.44
C GLY A 266 -11.58 21.45 4.79
N THR A 267 -12.38 22.51 4.97
CA THR A 267 -13.13 22.71 6.21
C THR A 267 -14.59 22.24 6.07
N SER A 268 -14.83 21.30 5.17
CA SER A 268 -16.13 20.66 5.04
C SER A 268 -16.45 19.87 6.33
N GLU A 269 -17.64 20.08 6.88
CA GLU A 269 -18.08 19.36 8.08
C GLU A 269 -18.11 17.84 7.84
N LYS A 270 -18.54 17.44 6.65
CA LYS A 270 -18.54 16.03 6.26
C LYS A 270 -17.12 15.42 6.40
N GLU A 271 -16.13 16.14 5.89
CA GLU A 271 -14.76 15.64 5.89
C GLU A 271 -14.14 15.61 7.27
N GLN A 272 -14.39 16.65 8.06
CA GLN A 272 -13.87 16.75 9.42
C GLN A 272 -14.41 15.59 10.26
N SER A 273 -15.73 15.37 10.16
CA SER A 273 -16.39 14.29 10.90
C SER A 273 -15.88 12.92 10.48
N GLU A 274 -15.80 12.68 9.17
CA GLU A 274 -15.24 11.43 8.65
C GLU A 274 -13.82 11.19 9.18
N ASN A 275 -12.99 12.22 9.14
CA ASN A 275 -11.59 12.08 9.52
C ASN A 275 -11.47 11.65 10.98
N THR A 276 -12.27 12.28 11.84
CA THR A 276 -12.27 11.93 13.26
C THR A 276 -12.74 10.50 13.52
N MSE A 277 -13.77 10.05 12.81
CA MSE A 277 -14.22 8.67 12.91
C MSE A 277 -13.08 7.71 12.64
O MSE A 277 -12.88 6.75 13.36
CB MSE A 277 -15.36 8.37 11.92
CG MSE A 277 -16.65 9.13 12.16
SE MSE A 277 -17.86 8.77 10.69
CE MSE A 277 -19.16 10.19 10.98
N ILE A 278 -12.35 7.97 11.55
CA ILE A 278 -11.26 7.09 11.15
C ILE A 278 -10.05 7.15 12.07
N VAL A 279 -9.62 8.35 12.45
CA VAL A 279 -8.52 8.52 13.39
C VAL A 279 -8.82 7.77 14.69
N ASP A 280 -10.05 7.90 15.18
CA ASP A 280 -10.44 7.18 16.39
C ASP A 280 -10.42 5.65 16.23
N LEU A 281 -10.80 5.14 15.07
CA LEU A 281 -10.68 3.69 14.79
C LEU A 281 -9.22 3.23 14.81
N VAL A 282 -8.35 4.02 14.19
CA VAL A 282 -6.92 3.69 14.17
C VAL A 282 -6.34 3.72 15.59
N ARG A 283 -6.83 4.60 16.45
CA ARG A 283 -6.40 4.57 17.85
C ARG A 283 -6.68 3.22 18.50
N ASN A 284 -7.85 2.62 18.25
CA ASN A 284 -8.18 1.30 18.77
C ASN A 284 -7.18 0.26 18.29
N ASP A 285 -6.87 0.32 17.00
CA ASP A 285 -5.98 -0.65 16.38
C ASP A 285 -4.59 -0.59 16.97
N LEU A 286 -4.08 0.62 17.20
CA LEU A 286 -2.77 0.75 17.86
C LEU A 286 -2.83 0.39 19.33
N SER A 287 -3.96 0.66 19.98
CA SER A 287 -4.07 0.40 21.40
C SER A 287 -3.86 -1.07 21.78
N ARG A 288 -4.17 -1.99 20.87
CA ARG A 288 -4.06 -3.42 21.18
C ARG A 288 -2.64 -3.92 21.38
N THR A 289 -1.66 -3.13 20.96
CA THR A 289 -0.26 -3.50 21.13
C THR A 289 0.58 -2.39 21.74
N ALA A 290 -0.07 -1.45 22.42
CA ALA A 290 0.60 -0.26 22.94
C ALA A 290 0.75 -0.31 24.46
N VAL A 291 1.79 0.35 24.95
CA VAL A 291 1.90 0.69 26.37
C VAL A 291 0.66 1.50 26.77
N ALA A 292 0.04 1.14 27.89
CA ALA A 292 -1.15 1.83 28.34
C ALA A 292 -0.90 3.32 28.49
N GLY A 293 -1.80 4.14 27.95
CA GLY A 293 -1.68 5.59 27.99
C GLY A 293 -0.83 6.24 26.90
N SER A 294 -0.22 5.42 26.03
CA SER A 294 0.72 5.94 25.03
C SER A 294 0.10 6.28 23.68
N VAL A 295 -1.15 5.91 23.46
CA VAL A 295 -1.83 6.22 22.20
C VAL A 295 -2.25 7.69 22.21
N CYS A 296 -1.83 8.41 21.16
CA CYS A 296 -2.12 9.82 21.04
C CYS A 296 -2.21 10.25 19.59
N VAL A 297 -2.62 11.49 19.39
CA VAL A 297 -2.71 12.08 18.07
C VAL A 297 -1.94 13.40 18.04
N PRO A 298 -0.63 13.33 17.79
CA PRO A 298 0.25 14.51 17.71
C PRO A 298 -0.19 15.57 16.72
N GLU A 299 -0.87 15.16 15.66
CA GLU A 299 -1.41 16.11 14.69
C GLU A 299 -2.69 15.58 14.06
N LEU A 300 -3.77 16.35 14.20
CA LEU A 300 -5.03 16.02 13.58
C LEU A 300 -5.20 16.96 12.38
N SER A 301 -5.29 16.40 11.18
CA SER A 301 -5.50 17.18 9.95
C SER A 301 -4.51 18.34 9.76
N GLY A 302 -3.21 18.05 9.76
CA GLY A 302 -2.19 19.07 9.57
C GLY A 302 -2.01 19.39 8.09
N LEU A 303 -1.94 20.67 7.75
CA LEU A 303 -1.79 21.09 6.35
C LEU A 303 -0.33 21.03 5.92
N TYR A 304 -0.07 20.32 4.83
CA TYR A 304 1.26 20.21 4.26
C TYR A 304 1.21 20.57 2.77
N THR A 305 2.16 21.39 2.32
CA THR A 305 2.23 21.80 0.93
C THR A 305 3.46 21.21 0.24
N PHE A 306 3.21 20.51 -0.87
CA PHE A 306 4.24 19.86 -1.67
C PHE A 306 4.11 20.41 -3.10
N PRO A 307 5.07 20.09 -4.01
CA PRO A 307 5.05 20.70 -5.34
C PRO A 307 3.80 20.40 -6.18
N ASN A 308 3.33 19.15 -6.14
CA ASN A 308 2.17 18.74 -6.92
C ASN A 308 0.85 18.82 -6.18
N VAL A 309 0.91 18.84 -4.84
CA VAL A 309 -0.30 18.77 -4.01
C VAL A 309 -0.16 19.44 -2.64
N HIS A 310 -1.29 19.90 -2.12
CA HIS A 310 -1.44 20.18 -0.69
C HIS A 310 -2.24 19.02 -0.10
N GLN A 311 -1.93 18.65 1.14
CA GLN A 311 -2.57 17.49 1.77
C GLN A 311 -2.86 17.78 3.25
N LEU A 312 -3.98 17.23 3.74
CA LEU A 312 -4.26 17.22 5.19
C LEU A 312 -3.96 15.84 5.75
N ILE A 313 -3.02 15.76 6.69
CA ILE A 313 -2.53 14.47 7.18
C ILE A 313 -2.72 14.39 8.71
N SER A 314 -3.30 13.29 9.19
CA SER A 314 -3.38 13.00 10.65
C SER A 314 -2.33 11.97 11.04
N THR A 315 -1.66 12.20 12.15
CA THR A 315 -0.67 11.27 12.66
C THR A 315 -1.19 10.68 13.97
N VAL A 316 -1.34 9.37 14.00
CA VAL A 316 -1.70 8.62 15.21
C VAL A 316 -0.44 7.89 15.67
N GLN A 317 -0.16 7.95 16.98
CA GLN A 317 1.09 7.45 17.53
C GLN A 317 0.84 6.57 18.75
N SER A 318 1.69 5.56 18.93
CA SER A 318 1.70 4.74 20.14
C SER A 318 3.15 4.39 20.47
N THR A 319 3.37 3.86 21.67
CA THR A 319 4.63 3.26 22.06
C THR A 319 4.38 1.75 22.17
N ILE A 320 5.23 0.96 21.51
CA ILE A 320 5.03 -0.49 21.46
C ILE A 320 5.12 -1.08 22.87
N ASP A 321 4.15 -1.93 23.20
CA ASP A 321 4.20 -2.74 24.43
C ASP A 321 5.36 -3.73 24.29
N PRO A 322 6.31 -3.74 25.25
CA PRO A 322 7.43 -4.67 25.16
C PRO A 322 7.04 -6.15 25.06
N ALA A 323 5.83 -6.51 25.48
CA ALA A 323 5.33 -7.87 25.37
C ALA A 323 4.84 -8.22 23.95
N CYS A 324 4.75 -7.22 23.07
CA CYS A 324 4.27 -7.43 21.70
C CYS A 324 5.41 -7.32 20.72
N SER A 325 5.38 -8.15 19.68
CA SER A 325 6.39 -8.08 18.63
C SER A 325 5.99 -7.04 17.59
N SER A 326 6.95 -6.69 16.75
CA SER A 326 6.68 -5.76 15.64
C SER A 326 5.59 -6.34 14.72
N ILE A 327 5.59 -7.66 14.52
CA ILE A 327 4.58 -8.26 13.66
C ILE A 327 3.20 -8.19 14.33
N ASP A 328 3.15 -8.38 15.65
CA ASP A 328 1.88 -8.25 16.38
C ASP A 328 1.26 -6.86 16.14
N VAL A 329 2.10 -5.83 16.14
CA VAL A 329 1.63 -4.44 15.94
C VAL A 329 0.90 -4.33 14.60
N ILE A 330 1.54 -4.86 13.58
CA ILE A 330 0.97 -4.79 12.23
C ILE A 330 -0.30 -5.64 12.12
N GLN A 331 -0.24 -6.87 12.63
CA GLN A 331 -1.36 -7.80 12.58
C GLN A 331 -2.59 -7.20 13.21
N GLN A 332 -2.44 -6.65 14.40
CA GLN A 332 -3.62 -6.12 15.10
C GLN A 332 -4.19 -4.88 14.45
N ALA A 333 -3.37 -4.21 13.64
CA ALA A 333 -3.82 -3.01 12.93
C ALA A 333 -4.28 -3.29 11.49
N PHE A 334 -4.28 -4.56 11.07
CA PHE A 334 -4.50 -4.92 9.67
C PHE A 334 -5.89 -5.51 9.45
N PRO A 335 -6.53 -5.20 8.31
CA PRO A 335 -6.21 -4.16 7.34
C PRO A 335 -6.51 -2.78 7.92
N MSE A 336 -6.07 -1.74 7.23
CA MSE A 336 -6.13 -0.37 7.74
C MSE A 336 -7.53 0.06 8.13
O MSE A 336 -8.50 -0.21 7.42
CB MSE A 336 -5.67 0.65 6.71
CG MSE A 336 -4.51 0.26 5.92
SE MSE A 336 -4.98 -0.85 4.36
CE MSE A 336 -3.17 -1.56 4.29
N GLY A 337 -7.61 0.81 9.23
CA GLY A 337 -8.86 1.47 9.60
C GLY A 337 -9.39 2.40 8.51
N SER A 338 -8.50 3.08 7.81
CA SER A 338 -8.91 4.05 6.80
C SER A 338 -9.61 3.38 5.61
N MSE A 339 -9.46 2.06 5.49
CA MSE A 339 -10.02 1.31 4.35
C MSE A 339 -11.11 0.30 4.68
O MSE A 339 -11.52 -0.48 3.82
CB MSE A 339 -8.90 0.61 3.58
CG MSE A 339 -7.83 1.55 3.08
SE MSE A 339 -8.54 2.78 1.75
CE MSE A 339 -9.05 1.46 0.38
N THR A 340 -11.61 0.33 5.92
CA THR A 340 -12.64 -0.59 6.38
C THR A 340 -13.79 0.19 6.97
N GLY A 341 -13.76 0.45 8.27
CA GLY A 341 -14.84 1.22 8.90
C GLY A 341 -15.14 0.81 10.31
N ALA A 342 -16.27 1.27 10.84
CA ALA A 342 -16.64 1.02 12.22
C ALA A 342 -18.11 0.61 12.34
N PRO A 343 -18.39 -0.44 13.12
CA PRO A 343 -17.44 -1.27 13.86
C PRO A 343 -16.64 -2.17 12.92
N LYS A 344 -15.34 -2.30 13.14
CA LYS A 344 -14.44 -2.85 12.11
C LYS A 344 -14.75 -4.27 11.67
N VAL A 345 -14.95 -5.19 12.61
CA VAL A 345 -15.16 -6.59 12.24
C VAL A 345 -16.45 -6.77 11.46
N ASN A 346 -17.57 -6.25 11.97
CA ASN A 346 -18.82 -6.37 11.24
C ASN A 346 -18.75 -5.65 9.90
N VAL A 347 -18.09 -4.49 9.86
CA VAL A 347 -17.98 -3.76 8.59
C VAL A 347 -17.18 -4.57 7.58
N MSE A 348 -16.12 -5.25 8.02
CA MSE A 348 -15.40 -6.12 7.08
C MSE A 348 -16.29 -7.26 6.54
O MSE A 348 -16.14 -7.67 5.39
CB MSE A 348 -14.10 -6.66 7.71
CG MSE A 348 -13.06 -5.59 7.86
SE MSE A 348 -11.33 -6.27 8.47
CE MSE A 348 -11.84 -6.71 10.28
N LYS A 349 -17.23 -7.74 7.35
CA LYS A 349 -18.20 -8.73 6.88
C LYS A 349 -19.16 -8.09 5.85
N PHE A 350 -19.62 -6.88 6.15
CA PHE A 350 -20.56 -6.19 5.25
C PHE A 350 -19.89 -5.89 3.92
N ILE A 351 -18.65 -5.40 3.98
CA ILE A 351 -17.86 -5.16 2.77
C ILE A 351 -17.75 -6.41 1.91
N ASP A 352 -17.45 -7.55 2.54
CA ASP A 352 -17.23 -8.76 1.78
C ASP A 352 -18.51 -9.20 1.08
N ARG A 353 -19.64 -8.97 1.75
CA ARG A 353 -20.93 -9.35 1.18
C ARG A 353 -21.37 -8.43 0.04
N ILE A 354 -21.13 -7.14 0.19
CA ILE A 354 -21.71 -6.12 -0.67
C ILE A 354 -20.81 -5.73 -1.85
N GLU A 355 -19.49 -5.74 -1.67
CA GLU A 355 -18.59 -5.50 -2.80
C GLU A 355 -18.67 -6.65 -3.80
N SER A 356 -18.31 -6.37 -5.05
CA SER A 356 -18.52 -7.28 -6.17
CA SER A 356 -18.51 -7.28 -6.17
C SER A 356 -17.39 -8.29 -6.37
N MSE A 357 -16.19 -7.98 -5.88
CA MSE A 357 -15.06 -8.88 -6.03
C MSE A 357 -14.24 -8.82 -4.75
O MSE A 357 -14.28 -7.82 -4.04
CB MSE A 357 -14.16 -8.44 -7.19
CG MSE A 357 -14.79 -8.54 -8.56
SE MSE A 357 -13.48 -8.12 -9.96
CE MSE A 357 -14.27 -9.08 -11.47
N ALA A 358 -13.46 -9.86 -4.51
CA ALA A 358 -12.45 -9.80 -3.46
C ALA A 358 -11.46 -8.68 -3.81
N ARG A 359 -10.98 -7.96 -2.80
CA ARG A 359 -10.04 -6.87 -3.05
C ARG A 359 -8.67 -7.36 -3.43
N GLY A 360 -8.28 -8.54 -2.97
CA GLY A 360 -6.96 -9.05 -3.30
C GLY A 360 -5.88 -8.06 -2.90
N PRO A 361 -5.01 -7.65 -3.84
CA PRO A 361 -3.95 -6.74 -3.46
C PRO A 361 -4.39 -5.30 -3.19
N PHE A 362 -5.57 -4.93 -3.68
CA PHE A 362 -6.05 -3.58 -3.43
C PHE A 362 -6.35 -3.40 -1.94
N SER A 363 -5.91 -2.25 -1.38
CA SER A 363 -6.08 -1.99 0.05
CA SER A 363 -5.96 -1.92 0.05
C SER A 363 -5.19 -2.91 0.91
N GLY A 364 -4.25 -3.59 0.26
CA GLY A 364 -3.18 -4.30 0.97
C GLY A 364 -2.04 -3.33 1.27
N THR A 365 -0.86 -3.89 1.53
CA THR A 365 0.31 -3.10 1.91
C THR A 365 1.59 -3.66 1.31
N VAL A 366 2.53 -2.77 0.98
CA VAL A 366 3.91 -3.14 0.64
C VAL A 366 4.83 -2.37 1.59
N GLY A 367 5.90 -3.00 2.03
CA GLY A 367 6.87 -2.31 2.85
C GLY A 367 8.04 -3.18 3.23
N TYR A 368 8.79 -2.74 4.23
CA TYR A 368 9.99 -3.45 4.67
C TYR A 368 10.07 -3.52 6.19
N MSE A 369 10.78 -4.54 6.66
CA MSE A 369 11.31 -4.61 8.03
C MSE A 369 12.82 -4.59 7.86
O MSE A 369 13.34 -5.26 6.98
CB MSE A 369 10.94 -5.92 8.70
CG MSE A 369 9.50 -6.14 8.90
SE MSE A 369 9.26 -7.55 10.25
CE MSE A 369 7.79 -6.67 11.21
N ASP A 370 13.51 -3.85 8.71
CA ASP A 370 14.97 -3.72 8.59
C ASP A 370 15.68 -4.50 9.71
N PRO A 371 17.01 -4.61 9.63
CA PRO A 371 17.74 -5.38 10.64
C PRO A 371 17.63 -4.88 12.09
N HIS A 372 17.19 -3.64 12.30
CA HIS A 372 17.04 -3.09 13.64
C HIS A 372 15.59 -3.20 14.15
N ASP A 373 14.76 -3.93 13.42
CA ASP A 373 13.34 -4.12 13.76
C ASP A 373 12.51 -2.84 13.62
N ASN A 374 12.94 -1.95 12.75
CA ASN A 374 12.12 -0.84 12.30
C ASN A 374 11.37 -1.31 11.07
N PHE A 375 10.28 -0.64 10.73
CA PHE A 375 9.50 -1.04 9.54
C PHE A 375 8.72 0.14 9.00
N ASP A 376 8.25 0.03 7.75
CA ASP A 376 7.36 1.04 7.18
C ASP A 376 6.55 0.38 6.08
N PHE A 377 5.27 0.71 6.03
CA PHE A 377 4.29 0.04 5.15
C PHE A 377 3.29 1.04 4.63
N ASN A 378 2.92 0.93 3.35
CA ASN A 378 1.98 1.87 2.75
C ASN A 378 0.57 1.30 2.63
N VAL A 379 -0.33 2.08 2.04
CA VAL A 379 -1.68 1.63 1.71
C VAL A 379 -1.77 1.50 0.19
N LEU A 380 -2.12 0.31 -0.30
CA LEU A 380 -2.12 0.08 -1.76
C LEU A 380 -3.42 0.56 -2.39
N ILE A 381 -3.51 1.88 -2.46
CA ILE A 381 -4.53 2.57 -3.27
C ILE A 381 -3.82 3.30 -4.39
N ARG A 382 -4.58 3.82 -5.37
CA ARG A 382 -3.98 4.51 -6.51
C ARG A 382 -2.90 3.67 -7.17
N SER A 383 -3.22 2.39 -7.35
CA SER A 383 -2.29 1.42 -7.88
C SER A 383 -2.86 0.62 -9.04
N ILE A 384 -1.95 0.13 -9.89
CA ILE A 384 -2.24 -0.85 -10.92
C ILE A 384 -1.54 -2.17 -10.55
N PHE A 385 -2.30 -3.25 -10.59
CA PHE A 385 -1.83 -4.60 -10.29
C PHE A 385 -1.83 -5.36 -11.59
N TYR A 386 -0.75 -6.10 -11.86
CA TYR A 386 -0.61 -6.81 -13.14
C TYR A 386 -0.01 -8.19 -12.92
N ASN A 387 -0.47 -9.17 -13.69
CA ASN A 387 0.15 -10.50 -13.70
C ASN A 387 0.48 -10.84 -15.15
N SER A 388 1.76 -10.94 -15.46
CA SER A 388 2.18 -11.16 -16.85
C SER A 388 1.82 -12.57 -17.33
N ALA A 389 1.72 -13.54 -16.43
CA ALA A 389 1.39 -14.93 -16.81
C ALA A 389 -0.05 -15.05 -17.30
N THR A 390 -0.95 -14.28 -16.68
CA THR A 390 -2.38 -14.35 -17.00
C THR A 390 -2.86 -13.17 -17.83
N GLN A 391 -1.98 -12.19 -18.04
CA GLN A 391 -2.29 -10.99 -18.81
C GLN A 391 -3.47 -10.25 -18.20
N GLU A 392 -3.49 -10.19 -16.87
CA GLU A 392 -4.57 -9.56 -16.12
C GLU A 392 -4.10 -8.25 -15.52
N LEU A 393 -4.96 -7.24 -15.59
CA LEU A 393 -4.76 -5.96 -14.90
C LEU A 393 -5.94 -5.73 -13.97
N PHE A 394 -5.69 -5.09 -12.84
CA PHE A 394 -6.71 -4.89 -11.81
C PHE A 394 -6.42 -3.60 -11.05
N MSE A 395 -7.47 -2.86 -10.72
CA MSE A 395 -7.35 -1.63 -9.94
C MSE A 395 -8.70 -1.39 -9.26
O MSE A 395 -9.70 -1.86 -9.76
CB MSE A 395 -6.96 -0.46 -10.84
CG MSE A 395 -7.87 -0.22 -12.01
SE MSE A 395 -6.89 0.34 -13.63
CE MSE A 395 -6.40 -1.44 -14.20
N GLU A 396 -8.75 -0.67 -8.15
CA GLU A 396 -10.03 -0.27 -7.54
C GLU A 396 -9.95 1.15 -7.05
N ALA A 397 -11.11 1.71 -6.75
CA ALA A 397 -11.22 2.99 -6.08
C ALA A 397 -12.47 2.97 -5.22
N GLY A 398 -12.44 3.74 -4.15
CA GLY A 398 -13.54 3.76 -3.21
C GLY A 398 -13.68 5.08 -2.49
N SER A 399 -14.61 5.12 -1.55
CA SER A 399 -14.78 6.31 -0.73
C SER A 399 -15.52 5.96 0.54
N ALA A 400 -15.44 6.89 1.49
CA ALA A 400 -16.05 6.76 2.80
C ALA A 400 -17.54 6.96 2.74
N ILE A 401 -18.32 5.93 3.12
CA ILE A 401 -19.78 6.06 3.17
C ILE A 401 -20.26 6.27 4.62
N THR A 402 -20.97 7.37 4.83
CA THR A 402 -21.57 7.71 6.12
C THR A 402 -22.98 8.24 5.87
N SER A 403 -23.64 8.69 6.94
CA SER A 403 -24.96 9.30 6.79
C SER A 403 -24.94 10.59 5.99
N TYR A 404 -23.77 11.19 5.82
CA TYR A 404 -23.63 12.45 5.07
C TYR A 404 -23.36 12.23 3.58
N ALA A 405 -23.17 10.99 3.17
CA ALA A 405 -22.86 10.69 1.76
C ALA A 405 -24.08 10.67 0.87
N LYS A 406 -23.89 11.09 -0.37
CA LYS A 406 -24.91 11.04 -1.42
C LYS A 406 -24.43 10.16 -2.56
N ALA A 407 -25.28 9.27 -3.04
CA ALA A 407 -24.88 8.26 -4.05
C ALA A 407 -24.27 8.89 -5.30
N GLU A 408 -24.91 9.93 -5.83
CA GLU A 408 -24.44 10.52 -7.09
C GLU A 408 -23.01 11.03 -6.96
N THR A 409 -22.74 11.67 -5.85
CA THR A 409 -21.46 12.27 -5.56
C THR A 409 -20.39 11.21 -5.33
N GLU A 410 -20.71 10.19 -4.54
CA GLU A 410 -19.69 9.18 -4.25
C GLU A 410 -19.40 8.31 -5.47
N TYR A 411 -20.41 8.03 -6.27
CA TYR A 411 -20.18 7.31 -7.53
C TYR A 411 -19.20 8.09 -8.43
N GLU A 412 -19.46 9.37 -8.60
CA GLU A 412 -18.61 10.22 -9.42
C GLU A 412 -17.19 10.29 -8.86
N GLU A 413 -17.09 10.34 -7.54
CA GLU A 413 -15.77 10.37 -6.89
CA GLU A 413 -15.78 10.34 -6.87
C GLU A 413 -14.98 9.08 -7.20
N CYS A 414 -15.62 7.93 -7.14
CA CYS A 414 -14.94 6.66 -7.47
C CYS A 414 -14.40 6.69 -8.89
N LEU A 415 -15.21 7.16 -9.84
CA LEU A 415 -14.80 7.22 -11.22
C LEU A 415 -13.65 8.20 -11.43
N LEU A 416 -13.72 9.35 -10.78
CA LEU A 416 -12.63 10.33 -10.88
C LEU A 416 -11.34 9.80 -10.28
N LYS A 417 -11.45 9.05 -9.18
CA LYS A 417 -10.26 8.52 -8.51
C LYS A 417 -9.52 7.48 -9.33
N ILE A 418 -10.25 6.72 -10.14
CA ILE A 418 -9.62 5.67 -10.96
C ILE A 418 -9.13 6.19 -12.31
N THR A 419 -9.65 7.34 -12.70
CA THR A 419 -9.37 7.86 -14.03
C THR A 419 -7.88 8.04 -14.35
N PRO A 420 -7.08 8.61 -13.41
CA PRO A 420 -5.63 8.68 -13.65
C PRO A 420 -4.94 7.37 -14.04
N MSE A 421 -5.35 6.26 -13.44
CA MSE A 421 -4.74 4.95 -13.69
C MSE A 421 -5.15 4.47 -15.10
O MSE A 421 -4.32 3.98 -15.86
CB MSE A 421 -5.09 3.93 -12.57
CG MSE A 421 -4.29 4.10 -11.21
SE MSE A 421 -5.18 5.45 -10.11
CE MSE A 421 -3.57 6.53 -9.89
N ILE A 422 -6.42 4.65 -15.44
CA ILE A 422 -6.90 4.27 -16.75
C ILE A 422 -6.23 5.14 -17.80
N HIS A 423 -6.01 6.41 -17.48
CA HIS A 423 -5.38 7.33 -18.42
C HIS A 423 -3.97 6.89 -18.78
N ILE A 424 -3.18 6.51 -17.78
CA ILE A 424 -1.79 6.10 -17.99
C ILE A 424 -1.68 4.83 -18.82
N LEU A 425 -2.65 3.92 -18.71
CA LEU A 425 -2.68 2.68 -19.50
C LEU A 425 -3.01 2.93 -20.97
N ASN A 426 -3.40 4.16 -21.28
CA ASN A 426 -3.74 4.56 -22.65
C ASN A 426 -2.96 5.80 -23.05
S1 DTU B . 13.84 -20.12 7.83
C1 DTU B . 12.26 -19.58 7.13
C2 DTU B . 11.28 -20.74 7.00
O2 DTU B . 11.88 -21.81 6.30
C3 DTU B . 10.01 -20.33 6.27
O3 DTU B . 9.70 -18.99 6.58
C4 DTU B . 8.84 -21.23 6.67
S4 DTU B . 7.26 -20.70 5.95
C1 PGE C . 17.15 -18.24 -3.01
O1 PGE C . 18.01 -17.58 -3.95
C2 PGE C . 15.85 -17.49 -2.85
O2 PGE C . 15.19 -17.43 -4.11
C3 PGE C . 13.77 -17.32 -4.01
C4 PGE C . 13.16 -18.12 -5.15
O4 PGE C . 9.48 -16.61 -5.88
C6 PGE C . 9.48 -17.98 -5.46
C5 PGE C . 10.79 -18.30 -4.76
O3 PGE C . 11.85 -17.69 -5.49
#